data_2R4G
#
_entry.id   2R4G
#
_cell.length_a   39.354
_cell.length_b   67.220
_cell.length_c   51.533
_cell.angle_alpha   90.00
_cell.angle_beta   90.66
_cell.angle_gamma   90.00
#
_symmetry.space_group_name_H-M   'P 1 21 1'
#
loop_
_entity.id
_entity.type
_entity.pdbx_description
1 polymer 'Telomerase reverse transcriptase'
2 non-polymer 'BROMIDE ION'
3 water water
#
_entity_poly.entity_id   1
_entity_poly.type   'polypeptide(L)'
_entity_poly.pdbx_seq_one_letter_code
;MKGFQFKVIQEKLQGRQFINSDKIKPDHPQTIIKKTLLKEYQSKNFSCQEERDLFLEFTEKIVQNFHNINFNYLLKKFCK
LPENYQSLKSQVKQIVQSENKANQQSCENLFNSLYDTEISYKQITNFLRQIIQNCVPNQLLGKKNFKVFLEKLYEFVQMK
RFENQKVLDYICFMDVFDVEWFVDLKNQKFTQKRKYISDKRKILGDLIVFIINKIVIPVLRYNFYITEKHKEGSQIFYYR
KPIWKLVSKLTIVKLEEENLEKVEEKL
;
_entity_poly.pdbx_strand_id   A
#
# COMPACT_ATOMS: atom_id res chain seq x y z
N LYS A 7 -17.08 -7.93 -0.84
CA LYS A 7 -16.32 -6.94 -0.01
C LYS A 7 -15.70 -5.85 -0.90
N VAL A 8 -15.65 -4.63 -0.38
CA VAL A 8 -15.14 -3.49 -1.12
C VAL A 8 -13.62 -3.42 -0.98
N ILE A 9 -12.94 -3.16 -2.09
CA ILE A 9 -11.52 -2.81 -2.07
C ILE A 9 -11.39 -1.38 -1.54
N GLN A 10 -10.53 -1.18 -0.56
CA GLN A 10 -10.38 0.12 0.06
C GLN A 10 -9.48 1.03 -0.77
N GLU A 11 -9.64 2.34 -0.59
CA GLU A 11 -8.87 3.31 -1.35
C GLU A 11 -7.55 3.65 -0.66
N LYS A 12 -6.52 3.91 -1.47
CA LYS A 12 -5.17 4.19 -0.97
C LYS A 12 -5.12 5.45 -0.13
N LEU A 13 -5.89 6.45 -0.51
CA LEU A 13 -5.90 7.74 0.19
C LEU A 13 -6.94 7.79 1.31
N LYS A 25 2.76 8.35 12.75
CA LYS A 25 3.44 7.55 11.75
C LYS A 25 2.75 6.19 11.55
N PRO A 26 2.73 5.69 10.28
CA PRO A 26 2.01 4.46 9.95
C PRO A 26 2.59 3.24 10.63
N ASP A 27 1.71 2.31 11.02
CA ASP A 27 2.13 1.06 11.60
C ASP A 27 2.78 0.17 10.57
N HIS A 28 3.78 -0.59 11.00
CA HIS A 28 4.39 -1.60 10.16
C HIS A 28 3.30 -2.60 9.75
N PRO A 29 3.32 -3.06 8.48
CA PRO A 29 2.34 -4.06 8.05
C PRO A 29 2.19 -5.26 8.99
N GLN A 30 3.26 -5.71 9.62
CA GLN A 30 3.17 -6.87 10.52
C GLN A 30 2.22 -6.55 11.70
N THR A 31 2.27 -5.32 12.18
CA THR A 31 1.43 -4.88 13.30
C THR A 31 -0.03 -4.84 12.84
N ILE A 32 -0.26 -4.30 11.66
CA ILE A 32 -1.62 -4.17 11.11
C ILE A 32 -2.23 -5.54 10.83
N ILE A 33 -1.44 -6.44 10.25
CA ILE A 33 -1.91 -7.79 9.94
C ILE A 33 -2.23 -8.58 11.21
N LYS A 34 -1.34 -8.52 12.20
CA LYS A 34 -1.62 -9.17 13.48
C LYS A 34 -2.92 -8.67 14.08
N LYS A 35 -3.14 -7.34 14.02
CA LYS A 35 -4.32 -6.75 14.64
C LYS A 35 -5.61 -7.20 13.94
N THR A 36 -5.59 -7.29 12.61
CA THR A 36 -6.80 -7.71 11.91
C THR A 36 -7.11 -9.18 12.16
N LEU A 37 -6.07 -9.99 12.28
CA LEU A 37 -6.25 -11.40 12.61
C LEU A 37 -6.79 -11.57 14.04
N LEU A 38 -6.36 -10.69 14.94
CA LEU A 38 -6.84 -10.69 16.31
C LEU A 38 -8.32 -10.26 16.44
N LYS A 39 -8.70 -9.24 15.66
CA LYS A 39 -9.94 -8.51 15.95
C LYS A 39 -11.07 -8.69 14.93
N GLU A 40 -10.75 -9.28 13.78
CA GLU A 40 -11.70 -9.32 12.68
C GLU A 40 -11.71 -10.70 12.02
N TYR A 41 -12.78 -10.98 11.30
CA TYR A 41 -12.84 -12.16 10.43
C TYR A 41 -12.72 -11.72 8.98
N GLN A 42 -11.95 -12.46 8.19
CA GLN A 42 -11.63 -12.06 6.82
C GLN A 42 -12.61 -12.59 5.78
N SER A 43 -13.43 -13.58 6.16
CA SER A 43 -14.45 -14.11 5.27
C SER A 43 -15.60 -14.73 6.05
N LYS A 44 -16.81 -14.52 5.57
CA LYS A 44 -17.99 -15.23 6.09
C LYS A 44 -18.34 -16.41 5.19
N ASN A 45 -17.46 -16.73 4.25
CA ASN A 45 -17.78 -17.68 3.18
C ASN A 45 -17.07 -19.03 3.26
N PHE A 46 -16.32 -19.26 4.33
CA PHE A 46 -15.69 -20.58 4.54
C PHE A 46 -16.76 -21.62 4.77
N SER A 47 -16.52 -22.83 4.28
CA SER A 47 -17.52 -23.88 4.33
C SER A 47 -17.58 -24.53 5.72
N CYS A 48 -16.45 -24.50 6.42
CA CYS A 48 -16.30 -25.16 7.71
C CYS A 48 -15.04 -24.67 8.40
N GLN A 49 -14.88 -25.03 9.67
CA GLN A 49 -13.72 -24.62 10.44
C GLN A 49 -12.41 -25.13 9.83
N GLU A 50 -12.45 -26.33 9.26
CA GLU A 50 -11.28 -26.92 8.63
C GLU A 50 -10.72 -26.04 7.51
N GLU A 51 -11.63 -25.51 6.68
CA GLU A 51 -11.23 -24.61 5.59
C GLU A 51 -10.70 -23.29 6.15
N ARG A 52 -11.40 -22.75 7.13
CA ARG A 52 -10.94 -21.55 7.83
C ARG A 52 -9.52 -21.74 8.38
N ASP A 53 -9.28 -22.90 8.99
CA ASP A 53 -7.99 -23.19 9.57
C ASP A 53 -6.88 -23.24 8.53
N LEU A 54 -7.18 -23.78 7.36
CA LEU A 54 -6.20 -23.80 6.27
C LEU A 54 -5.84 -22.38 5.83
N PHE A 55 -6.84 -21.50 5.72
CA PHE A 55 -6.58 -20.09 5.45
C PHE A 55 -5.68 -19.49 6.53
N LEU A 56 -6.00 -19.78 7.79
CA LEU A 56 -5.25 -19.21 8.91
C LEU A 56 -3.79 -19.67 8.96
N GLU A 57 -3.53 -20.90 8.50
CA GLU A 57 -2.16 -21.37 8.30
C GLU A 57 -1.37 -20.39 7.44
N PHE A 58 -1.97 -19.97 6.32
CA PHE A 58 -1.30 -19.01 5.44
C PHE A 58 -1.06 -17.69 6.16
N THR A 59 -2.03 -17.26 6.95
CA THR A 59 -1.91 -15.95 7.60
C THR A 59 -0.77 -15.94 8.61
N GLU A 60 -0.51 -17.09 9.24
CA GLU A 60 0.59 -17.18 10.19
C GLU A 60 1.93 -17.04 9.49
N LYS A 61 2.04 -17.64 8.31
CA LYS A 61 3.24 -17.50 7.49
C LYS A 61 3.43 -16.06 7.02
N ILE A 62 2.32 -15.42 6.64
CA ILE A 62 2.35 -14.01 6.21
C ILE A 62 2.91 -13.12 7.32
N VAL A 63 2.43 -13.32 8.54
CA VAL A 63 2.93 -12.57 9.70
C VAL A 63 4.44 -12.77 9.86
N GLN A 64 4.89 -14.02 9.78
CA GLN A 64 6.30 -14.33 9.95
C GLN A 64 7.14 -13.68 8.85
N ASN A 65 6.67 -13.77 7.62
CA ASN A 65 7.37 -13.14 6.49
C ASN A 65 7.53 -11.63 6.68
N PHE A 66 6.47 -10.97 7.13
CA PHE A 66 6.56 -9.51 7.35
C PHE A 66 7.45 -9.15 8.53
N HIS A 67 7.60 -10.06 9.48
CA HIS A 67 8.55 -9.87 10.56
C HIS A 67 9.97 -9.86 10.00
N ASN A 68 10.19 -10.60 8.91
CA ASN A 68 11.55 -10.84 8.40
C ASN A 68 11.92 -10.03 7.17
N ILE A 69 10.93 -9.38 6.55
CA ILE A 69 11.14 -8.62 5.30
C ILE A 69 12.02 -7.39 5.53
N ASN A 70 12.75 -7.00 4.48
CA ASN A 70 13.71 -5.91 4.54
C ASN A 70 13.27 -4.72 3.67
N PHE A 71 12.29 -3.97 4.15
CA PHE A 71 11.76 -2.84 3.39
C PHE A 71 12.82 -1.85 2.92
N ASN A 72 13.74 -1.48 3.82
CA ASN A 72 14.71 -0.43 3.47
C ASN A 72 15.68 -0.84 2.38
N TYR A 73 16.13 -2.09 2.43
CA TYR A 73 16.93 -2.65 1.33
C TYR A 73 16.16 -2.56 0.02
N LEU A 74 14.92 -3.02 0.05
CA LEU A 74 14.09 -3.06 -1.15
C LEU A 74 13.79 -1.65 -1.65
N LEU A 75 13.62 -0.70 -0.74
CA LEU A 75 13.42 0.70 -1.13
C LEU A 75 14.66 1.27 -1.82
N LYS A 76 15.83 0.92 -1.30
CA LYS A 76 17.09 1.37 -1.88
C LYS A 76 17.25 0.79 -3.30
N LYS A 77 16.80 -0.45 -3.46
CA LYS A 77 16.89 -1.15 -4.73
C LYS A 77 15.91 -0.60 -5.77
N PHE A 78 14.63 -0.50 -5.39
CA PHE A 78 13.55 -0.26 -6.36
C PHE A 78 13.11 1.20 -6.44
N CYS A 79 13.26 1.93 -5.33
CA CYS A 79 12.70 3.28 -5.20
C CYS A 79 13.69 4.24 -4.54
N LYS A 80 14.89 4.30 -5.09
CA LYS A 80 15.99 5.01 -4.46
C LYS A 80 15.66 6.47 -4.19
N LEU A 81 16.15 6.99 -3.07
CA LEU A 81 16.12 8.42 -2.78
C LEU A 81 16.83 9.18 -3.90
N PRO A 82 16.43 10.44 -4.13
CA PRO A 82 17.09 11.20 -5.19
C PRO A 82 18.57 11.41 -4.86
N GLU A 83 19.41 11.48 -5.89
CA GLU A 83 20.84 11.68 -5.68
C GLU A 83 21.10 13.04 -5.00
N ASN A 84 20.15 13.95 -5.15
CA ASN A 84 20.23 15.27 -4.52
C ASN A 84 19.52 15.35 -3.17
N TYR A 85 19.23 14.19 -2.57
CA TYR A 85 18.54 14.17 -1.28
C TYR A 85 19.31 14.94 -0.19
N GLN A 86 20.60 14.67 -0.06
CA GLN A 86 21.41 15.30 0.98
C GLN A 86 21.43 16.83 0.85
N SER A 87 21.56 17.33 -0.38
CA SER A 87 21.49 18.77 -0.63
C SER A 87 20.13 19.34 -0.23
N LEU A 88 19.05 18.68 -0.67
CA LEU A 88 17.69 19.09 -0.30
C LEU A 88 17.50 19.11 1.20
N LYS A 89 18.09 18.12 1.88
CA LYS A 89 18.02 18.00 3.33
C LYS A 89 18.78 19.13 4.01
N SER A 90 19.95 19.46 3.45
CA SER A 90 20.77 20.56 3.96
C SER A 90 20.05 21.89 3.81
N GLN A 91 19.46 22.12 2.64
CA GLN A 91 18.73 23.36 2.34
C GLN A 91 17.54 23.57 3.28
N VAL A 92 16.78 22.50 3.53
CA VAL A 92 15.64 22.57 4.43
C VAL A 92 16.10 22.86 5.86
N LYS A 93 17.23 22.27 6.24
CA LYS A 93 17.78 22.46 7.58
C LYS A 93 18.19 23.92 7.83
N GLN A 94 18.69 24.61 6.82
CA GLN A 94 19.12 26.01 6.97
C GLN A 94 17.96 27.01 6.99
N ILE A 95 16.76 26.54 6.67
CA ILE A 95 15.55 27.35 6.82
C ILE A 95 14.95 27.14 8.21
N VAL A 96 14.82 25.88 8.62
CA VAL A 96 14.30 25.53 9.95
C VAL A 96 15.29 25.93 11.05
N GLN A 97 16.54 25.49 10.92
CA GLN A 97 17.59 25.80 11.88
C GLN A 97 18.79 26.47 11.19
N SER A 98 18.76 27.80 11.05
CA SER A 98 17.68 28.66 11.53
C SER A 98 17.83 30.05 10.95
N GLU A 99 16.75 30.84 11.01
CA GLU A 99 16.79 32.27 10.71
C GLU A 99 15.86 33.04 11.65
N ASN A 100 15.90 34.37 11.57
CA ASN A 100 14.94 35.20 12.27
C ASN A 100 13.80 35.67 11.37
N LYS A 101 14.11 35.91 10.09
CA LYS A 101 13.14 36.50 9.16
C LYS A 101 12.79 35.58 7.99
N ALA A 102 11.88 36.06 7.14
CA ALA A 102 11.20 35.21 6.16
C ALA A 102 11.78 35.30 4.75
N ASN A 103 11.75 34.16 4.05
CA ASN A 103 12.12 34.10 2.63
C ASN A 103 11.26 33.07 1.87
N GLN A 104 10.22 33.59 1.19
CA GLN A 104 9.27 32.74 0.48
C GLN A 104 9.81 32.20 -0.84
N GLN A 105 10.74 32.95 -1.45
CA GLN A 105 11.36 32.54 -2.71
C GLN A 105 12.19 31.27 -2.56
N SER A 106 12.93 31.20 -1.45
CA SER A 106 13.73 30.02 -1.13
C SER A 106 12.87 28.78 -0.99
N CYS A 107 11.70 28.95 -0.36
CA CYS A 107 10.74 27.87 -0.21
C CYS A 107 10.08 27.48 -1.53
N GLU A 108 9.85 28.47 -2.40
CA GLU A 108 9.34 28.19 -3.75
C GLU A 108 10.35 27.37 -4.56
N ASN A 109 11.64 27.66 -4.36
CA ASN A 109 12.70 26.88 -4.96
C ASN A 109 12.82 25.48 -4.35
N LEU A 110 12.59 25.38 -3.04
CA LEU A 110 12.70 24.11 -2.34
C LEU A 110 11.47 23.23 -2.53
N PHE A 111 10.30 23.75 -2.17
CA PHE A 111 9.05 22.99 -2.28
C PHE A 111 8.90 22.34 -3.65
N ASN A 112 8.98 23.14 -4.71
CA ASN A 112 8.86 22.63 -6.08
C ASN A 112 9.89 21.56 -6.43
N SER A 113 11.08 21.67 -5.85
CA SER A 113 12.15 20.70 -6.07
C SER A 113 11.92 19.43 -5.25
N LEU A 114 11.28 19.57 -4.10
CA LEU A 114 10.88 18.43 -3.28
C LEU A 114 9.68 17.70 -3.89
N TYR A 115 8.75 18.47 -4.45
CA TYR A 115 7.61 17.90 -5.18
C TYR A 115 8.04 17.18 -6.45
N ASP A 116 9.26 17.43 -6.89
CA ASP A 116 9.79 16.83 -8.12
C ASP A 116 10.48 15.49 -7.91
N THR A 117 10.41 14.96 -6.68
CA THR A 117 11.12 13.73 -6.34
C THR A 117 10.21 12.52 -6.26
N GLU A 118 9.02 12.63 -6.84
CA GLU A 118 8.06 11.51 -6.83
C GLU A 118 8.63 10.24 -7.47
N ILE A 119 8.14 9.09 -7.03
CA ILE A 119 8.64 7.79 -7.48
C ILE A 119 7.70 7.24 -8.55
N SER A 120 8.26 6.82 -9.69
CA SER A 120 7.44 6.34 -10.81
C SER A 120 6.56 5.15 -10.44
N TYR A 121 5.42 5.02 -11.11
CA TYR A 121 4.55 3.86 -10.87
C TYR A 121 5.25 2.54 -11.14
N LYS A 122 6.08 2.50 -12.19
CA LYS A 122 6.84 1.28 -12.50
C LYS A 122 7.68 0.85 -11.29
N GLN A 123 8.35 1.82 -10.67
CA GLN A 123 9.18 1.57 -9.49
C GLN A 123 8.37 1.10 -8.29
N ILE A 124 7.28 1.80 -7.99
CA ILE A 124 6.39 1.44 -6.89
C ILE A 124 5.86 0.02 -7.09
N THR A 125 5.42 -0.28 -8.31
CA THR A 125 4.85 -1.60 -8.62
C THR A 125 5.90 -2.72 -8.51
N ASN A 126 7.14 -2.44 -8.97
CA ASN A 126 8.22 -3.40 -8.80
C ASN A 126 8.48 -3.71 -7.33
N PHE A 127 8.53 -2.66 -6.52
CA PHE A 127 8.70 -2.78 -5.07
C PHE A 127 7.57 -3.60 -4.48
N LEU A 128 6.34 -3.21 -4.80
CA LEU A 128 5.16 -3.85 -4.22
C LEU A 128 5.10 -5.31 -4.60
N ARG A 129 5.33 -5.60 -5.89
CA ARG A 129 5.29 -6.98 -6.37
C ARG A 129 6.33 -7.83 -5.67
N GLN A 130 7.52 -7.28 -5.45
CA GLN A 130 8.55 -8.03 -4.72
C GLN A 130 8.10 -8.39 -3.31
N ILE A 131 7.50 -7.43 -2.61
CA ILE A 131 7.04 -7.65 -1.25
C ILE A 131 5.98 -8.74 -1.21
N ILE A 132 5.02 -8.67 -2.14
CA ILE A 132 3.92 -9.64 -2.15
C ILE A 132 4.42 -11.03 -2.54
N GLN A 133 5.30 -11.10 -3.54
CA GLN A 133 5.94 -12.38 -3.90
C GLN A 133 6.70 -12.97 -2.71
N ASN A 134 7.47 -12.12 -2.00
CA ASN A 134 8.28 -12.60 -0.89
C ASN A 134 7.45 -13.01 0.33
N CYS A 135 6.34 -12.31 0.56
CA CYS A 135 5.62 -12.42 1.83
C CYS A 135 4.29 -13.17 1.80
N VAL A 136 3.66 -13.27 0.62
CA VAL A 136 2.35 -13.94 0.53
C VAL A 136 2.56 -15.26 -0.20
N PRO A 137 2.33 -16.37 0.50
CA PRO A 137 2.54 -17.69 -0.12
C PRO A 137 1.69 -17.81 -1.38
N ASN A 138 2.28 -18.25 -2.49
CA ASN A 138 1.51 -18.24 -3.74
C ASN A 138 0.34 -19.23 -3.77
N GLN A 139 0.40 -20.24 -2.91
CA GLN A 139 -0.71 -21.20 -2.79
C GLN A 139 -1.92 -20.63 -2.06
N LEU A 140 -1.78 -19.45 -1.44
CA LEU A 140 -2.96 -18.80 -0.86
C LEU A 140 -4.03 -18.57 -1.93
N LEU A 141 -3.63 -18.03 -3.08
CA LEU A 141 -4.56 -17.82 -4.19
C LEU A 141 -4.52 -18.93 -5.24
N GLY A 142 -3.48 -19.77 -5.18
CA GLY A 142 -3.16 -20.68 -6.29
C GLY A 142 -2.08 -20.05 -7.16
N LYS A 143 -1.13 -20.87 -7.61
CA LYS A 143 0.05 -20.35 -8.33
C LYS A 143 -0.28 -19.47 -9.55
N LYS A 144 -1.21 -19.93 -10.38
CA LYS A 144 -1.58 -19.19 -11.59
C LYS A 144 -2.42 -17.96 -11.24
N ASN A 145 -3.35 -18.13 -10.30
CA ASN A 145 -4.14 -17.00 -9.82
C ASN A 145 -3.25 -15.93 -9.21
N PHE A 146 -2.20 -16.36 -8.52
CA PHE A 146 -1.30 -15.43 -7.85
C PHE A 146 -0.62 -14.53 -8.88
N LYS A 147 -0.24 -15.10 -10.02
CA LYS A 147 0.41 -14.31 -11.08
C LYS A 147 -0.56 -13.28 -11.66
N VAL A 148 -1.83 -13.67 -11.79
CA VAL A 148 -2.88 -12.75 -12.25
C VAL A 148 -2.99 -11.56 -11.27
N PHE A 149 -3.06 -11.89 -9.99
CA PHE A 149 -3.10 -10.87 -8.93
C PHE A 149 -1.96 -9.86 -9.05
N LEU A 150 -0.73 -10.37 -9.14
CA LEU A 150 0.46 -9.51 -9.26
C LEU A 150 0.37 -8.61 -10.49
N GLU A 151 -0.12 -9.17 -11.60
CA GLU A 151 -0.27 -8.40 -12.83
C GLU A 151 -1.18 -7.18 -12.64
N LYS A 152 -2.19 -7.33 -11.80
CA LYS A 152 -3.20 -6.29 -11.64
C LYS A 152 -2.73 -5.17 -10.71
N LEU A 153 -1.60 -5.37 -10.05
CA LEU A 153 -1.12 -4.38 -9.08
C LEU A 153 -0.66 -3.07 -9.70
N TYR A 154 -0.22 -3.09 -10.97
CA TYR A 154 0.15 -1.85 -11.62
C TYR A 154 -1.05 -0.93 -11.69
N GLU A 155 -2.18 -1.47 -12.16
CA GLU A 155 -3.41 -0.70 -12.25
C GLU A 155 -3.76 -0.14 -10.87
N PHE A 156 -3.70 -1.00 -9.85
CA PHE A 156 -3.97 -0.55 -8.49
C PHE A 156 -3.09 0.63 -8.11
N VAL A 157 -1.80 0.52 -8.39
CA VAL A 157 -0.83 1.54 -7.98
C VAL A 157 -1.13 2.92 -8.63
N GLN A 158 -1.52 2.92 -9.90
CA GLN A 158 -1.73 4.16 -10.64
C GLN A 158 -3.14 4.78 -10.49
N MET A 159 -4.05 4.07 -9.84
CA MET A 159 -5.42 4.54 -9.71
C MET A 159 -5.52 5.85 -8.95
N LYS A 160 -6.23 6.80 -9.54
CA LYS A 160 -6.48 8.10 -8.92
C LYS A 160 -7.54 8.00 -7.82
N ARG A 161 -7.64 9.04 -7.00
CA ARG A 161 -8.72 9.13 -6.02
C ARG A 161 -10.04 9.03 -6.77
N PHE A 162 -11.05 8.45 -6.12
CA PHE A 162 -12.38 8.26 -6.72
C PHE A 162 -12.43 7.14 -7.76
N GLU A 163 -11.27 6.59 -8.11
CA GLU A 163 -11.20 5.39 -8.96
C GLU A 163 -10.99 4.17 -8.07
N ASN A 164 -11.56 3.04 -8.48
CA ASN A 164 -11.34 1.79 -7.76
C ASN A 164 -11.40 0.58 -8.69
N GLN A 165 -10.70 -0.48 -8.29
CA GLN A 165 -10.87 -1.77 -8.91
C GLN A 165 -12.05 -2.47 -8.23
N LYS A 166 -12.68 -3.38 -8.97
CA LYS A 166 -13.71 -4.25 -8.43
C LYS A 166 -13.09 -5.64 -8.23
N VAL A 167 -13.59 -6.39 -7.25
CA VAL A 167 -13.15 -7.77 -7.04
C VAL A 167 -13.30 -8.59 -8.32
N LEU A 168 -14.38 -8.34 -9.05
CA LEU A 168 -14.62 -9.01 -10.33
C LEU A 168 -13.48 -8.78 -11.34
N ASP A 169 -12.82 -7.63 -11.26
CA ASP A 169 -11.67 -7.32 -12.11
C ASP A 169 -10.53 -8.32 -11.92
N TYR A 170 -10.42 -8.86 -10.71
CA TYR A 170 -9.42 -9.86 -10.39
C TYR A 170 -9.93 -11.25 -10.72
N ILE A 171 -11.08 -11.61 -10.16
CA ILE A 171 -11.49 -13.01 -10.13
C ILE A 171 -12.02 -13.52 -11.47
N CYS A 172 -12.45 -12.61 -12.35
CA CYS A 172 -12.91 -13.01 -13.69
C CYS A 172 -11.79 -13.65 -14.51
N PHE A 173 -10.55 -13.39 -14.12
CA PHE A 173 -9.38 -13.94 -14.81
C PHE A 173 -8.73 -15.06 -14.00
N MET A 174 -9.38 -15.45 -12.92
CA MET A 174 -8.86 -16.51 -12.06
C MET A 174 -9.70 -17.76 -12.16
N ASP A 175 -9.22 -18.83 -11.55
CA ASP A 175 -9.82 -20.15 -11.66
C ASP A 175 -9.80 -20.79 -10.27
N VAL A 176 -10.98 -21.08 -9.71
CA VAL A 176 -11.03 -21.68 -8.38
C VAL A 176 -10.36 -23.06 -8.35
N PHE A 177 -10.26 -23.71 -9.51
CA PHE A 177 -9.62 -25.02 -9.59
C PHE A 177 -8.10 -24.92 -9.51
N ASP A 178 -7.58 -23.69 -9.52
CA ASP A 178 -6.16 -23.46 -9.33
C ASP A 178 -5.80 -23.48 -7.84
N VAL A 179 -6.81 -23.31 -6.99
CA VAL A 179 -6.61 -23.31 -5.54
C VAL A 179 -6.59 -24.75 -5.06
N GLU A 180 -5.59 -25.10 -4.25
CA GLU A 180 -5.37 -26.49 -3.81
C GLU A 180 -5.99 -26.83 -2.46
N TRP A 181 -6.27 -25.82 -1.64
CA TRP A 181 -6.62 -26.05 -0.22
C TRP A 181 -8.09 -25.89 0.15
N PHE A 182 -8.95 -25.56 -0.81
CA PHE A 182 -10.36 -25.43 -0.53
C PHE A 182 -10.93 -26.77 -0.08
N VAL A 183 -11.96 -26.69 0.75
CA VAL A 183 -12.66 -27.87 1.25
C VAL A 183 -14.02 -27.95 0.57
N ASP A 184 -14.18 -28.96 -0.26
CA ASP A 184 -15.41 -29.18 -1.03
C ASP A 184 -16.46 -29.89 -0.16
N LEU A 185 -17.00 -29.16 0.81
CA LEU A 185 -17.88 -29.76 1.83
C LEU A 185 -19.08 -30.47 1.21
N LYS A 186 -19.60 -29.91 0.12
CA LYS A 186 -20.82 -30.41 -0.52
C LYS A 186 -20.55 -31.48 -1.56
N ASN A 187 -19.28 -31.83 -1.75
CA ASN A 187 -18.88 -32.86 -2.72
C ASN A 187 -19.40 -32.53 -4.13
N GLN A 188 -19.09 -31.31 -4.56
CA GLN A 188 -19.57 -30.78 -5.82
C GLN A 188 -18.44 -30.54 -6.83
N LYS A 189 -17.19 -30.57 -6.36
CA LYS A 189 -16.03 -30.20 -7.18
C LYS A 189 -15.86 -31.09 -8.41
N PHE A 190 -16.03 -32.39 -8.21
CA PHE A 190 -15.65 -33.39 -9.20
C PHE A 190 -16.80 -33.68 -10.18
N THR A 191 -18.02 -33.34 -9.79
CA THR A 191 -19.22 -33.65 -10.60
C THR A 191 -20.15 -32.47 -10.88
N GLN A 192 -20.10 -31.42 -10.06
CA GLN A 192 -21.00 -30.27 -10.21
C GLN A 192 -20.24 -28.94 -10.23
N LYS A 193 -19.37 -28.81 -11.24
CA LYS A 193 -18.41 -27.70 -11.37
C LYS A 193 -19.00 -26.33 -11.06
N ARG A 194 -20.14 -26.03 -11.68
CA ARG A 194 -20.70 -24.68 -11.62
C ARG A 194 -21.09 -24.28 -10.20
N LYS A 195 -21.64 -25.23 -9.44
CA LYS A 195 -22.03 -24.98 -8.06
C LYS A 195 -20.79 -24.72 -7.20
N TYR A 196 -19.78 -25.57 -7.38
CA TYR A 196 -18.50 -25.41 -6.70
C TYR A 196 -17.89 -24.05 -7.00
N ILE A 197 -17.83 -23.70 -8.29
CA ILE A 197 -17.26 -22.43 -8.71
C ILE A 197 -18.01 -21.24 -8.08
N SER A 198 -19.33 -21.30 -8.09
CA SER A 198 -20.13 -20.24 -7.49
C SER A 198 -19.80 -20.05 -6.00
N ASP A 199 -19.72 -21.16 -5.27
CA ASP A 199 -19.38 -21.13 -3.85
C ASP A 199 -17.97 -20.59 -3.64
N LYS A 200 -16.99 -21.18 -4.32
CA LYS A 200 -15.59 -20.90 -4.00
C LYS A 200 -15.09 -19.54 -4.52
N ARG A 201 -15.78 -19.01 -5.52
CA ARG A 201 -15.46 -17.66 -6.01
C ARG A 201 -15.69 -16.62 -4.90
N LYS A 202 -16.66 -16.88 -4.03
CA LYS A 202 -16.92 -15.99 -2.90
C LYS A 202 -15.70 -15.92 -1.98
N ILE A 203 -15.11 -17.07 -1.68
CA ILE A 203 -13.91 -17.11 -0.85
C ILE A 203 -12.74 -16.45 -1.56
N LEU A 204 -12.50 -16.85 -2.81
CA LEU A 204 -11.42 -16.28 -3.61
C LEU A 204 -11.50 -14.74 -3.61
N GLY A 205 -12.71 -14.22 -3.82
CA GLY A 205 -12.93 -12.77 -3.77
C GLY A 205 -12.55 -12.15 -2.43
N ASP A 206 -12.92 -12.82 -1.34
CA ASP A 206 -12.57 -12.35 0.00
C ASP A 206 -11.05 -12.40 0.22
N LEU A 207 -10.39 -13.35 -0.41
CA LEU A 207 -8.92 -13.45 -0.30
C LEU A 207 -8.25 -12.27 -0.99
N ILE A 208 -8.75 -11.92 -2.17
CA ILE A 208 -8.30 -10.74 -2.93
C ILE A 208 -8.42 -9.47 -2.07
N VAL A 209 -9.59 -9.28 -1.47
CA VAL A 209 -9.84 -8.12 -0.63
C VAL A 209 -8.91 -8.11 0.58
N PHE A 210 -8.71 -9.28 1.19
CA PHE A 210 -7.80 -9.41 2.34
C PHE A 210 -6.39 -8.93 1.97
N ILE A 211 -5.84 -9.46 0.87
CA ILE A 211 -4.49 -9.08 0.47
C ILE A 211 -4.40 -7.59 0.15
N ILE A 212 -5.36 -7.05 -0.57
CA ILE A 212 -5.28 -5.62 -0.94
C ILE A 212 -5.47 -4.72 0.28
N ASN A 213 -6.49 -4.98 1.08
CA ASN A 213 -6.87 -4.08 2.19
C ASN A 213 -5.93 -4.22 3.38
N LYS A 214 -5.47 -5.44 3.65
CA LYS A 214 -4.72 -5.74 4.88
C LYS A 214 -3.22 -5.91 4.65
N ILE A 215 -2.81 -6.00 3.38
CA ILE A 215 -1.38 -6.16 3.07
C ILE A 215 -0.88 -5.06 2.14
N VAL A 216 -1.45 -4.99 0.93
CA VAL A 216 -0.98 -4.04 -0.09
C VAL A 216 -1.06 -2.59 0.39
N ILE A 217 -2.23 -2.17 0.86
CA ILE A 217 -2.40 -0.79 1.30
C ILE A 217 -1.49 -0.44 2.51
N PRO A 218 -1.49 -1.28 3.57
CA PRO A 218 -0.49 -1.07 4.64
C PRO A 218 0.97 -0.99 4.17
N VAL A 219 1.36 -1.80 3.18
CA VAL A 219 2.73 -1.76 2.67
C VAL A 219 3.01 -0.42 2.00
N LEU A 220 2.08 0.03 1.17
CA LEU A 220 2.24 1.32 0.49
C LEU A 220 2.29 2.48 1.46
N ARG A 221 1.40 2.46 2.47
CA ARG A 221 1.32 3.57 3.43
C ARG A 221 2.49 3.61 4.38
N TYR A 222 3.07 2.45 4.67
CA TYR A 222 4.20 2.39 5.59
C TYR A 222 5.48 2.90 4.92
N ASN A 223 5.57 2.70 3.61
CA ASN A 223 6.82 2.96 2.89
C ASN A 223 6.84 4.25 2.09
N PHE A 224 5.67 4.80 1.81
CA PHE A 224 5.57 6.00 0.98
C PHE A 224 4.59 7.00 1.55
N TYR A 225 4.81 8.27 1.24
CA TYR A 225 3.76 9.25 1.35
C TYR A 225 3.01 9.34 0.03
N ILE A 226 1.71 9.07 0.10
CA ILE A 226 0.87 9.05 -1.08
C ILE A 226 0.04 10.31 -1.10
N THR A 227 0.13 11.05 -2.20
CA THR A 227 -0.57 12.31 -2.34
C THR A 227 -0.94 12.58 -3.81
N GLU A 228 -1.52 13.74 -4.06
CA GLU A 228 -1.83 14.18 -5.41
C GLU A 228 -0.98 15.42 -5.69
N LYS A 229 -0.58 15.59 -6.94
CA LYS A 229 0.27 16.73 -7.32
C LYS A 229 -0.54 18.00 -7.38
N HIS A 230 -1.83 17.86 -7.69
CA HIS A 230 -2.75 18.99 -7.76
C HIS A 230 -3.81 18.84 -6.68
N LYS A 231 -5.08 18.86 -7.11
CA LYS A 231 -6.21 18.73 -6.22
C LYS A 231 -6.69 17.26 -6.18
N GLU A 232 -7.77 17.02 -5.44
CA GLU A 232 -8.33 15.67 -5.28
C GLU A 232 -8.79 15.08 -6.61
N GLY A 233 -8.38 13.84 -6.88
CA GLY A 233 -8.77 13.14 -8.09
C GLY A 233 -7.76 13.25 -9.22
N SER A 234 -6.71 14.04 -8.99
CA SER A 234 -5.63 14.18 -9.98
C SER A 234 -4.63 13.03 -9.84
N GLN A 235 -3.58 13.07 -10.67
CA GLN A 235 -2.56 12.02 -10.69
C GLN A 235 -2.05 11.70 -9.28
N ILE A 236 -1.97 10.41 -8.96
CA ILE A 236 -1.42 9.95 -7.67
C ILE A 236 0.10 10.06 -7.70
N PHE A 237 0.66 10.53 -6.60
CA PHE A 237 2.11 10.65 -6.47
C PHE A 237 2.61 9.98 -5.20
N TYR A 238 3.76 9.33 -5.33
CA TYR A 238 4.37 8.59 -4.24
C TYR A 238 5.70 9.23 -3.93
N TYR A 239 5.94 9.50 -2.66
CA TYR A 239 7.23 10.01 -2.23
C TYR A 239 7.84 9.12 -1.18
N ARG A 240 9.17 9.06 -1.17
CA ARG A 240 9.89 8.44 -0.07
C ARG A 240 9.63 9.24 1.20
N LYS A 241 9.50 8.54 2.32
CA LYS A 241 9.19 9.18 3.60
C LYS A 241 10.18 10.29 3.99
N PRO A 242 11.51 10.05 3.83
CA PRO A 242 12.47 11.12 4.12
C PRO A 242 12.23 12.41 3.35
N ILE A 243 11.79 12.29 2.09
CA ILE A 243 11.41 13.45 1.30
C ILE A 243 10.23 14.20 1.91
N TRP A 244 9.22 13.46 2.37
CA TRP A 244 8.02 14.09 2.93
C TRP A 244 8.23 14.65 4.33
N LYS A 245 9.16 14.08 5.08
CA LYS A 245 9.55 14.64 6.38
C LYS A 245 10.15 16.04 6.18
N LEU A 246 10.81 16.24 5.05
CA LEU A 246 11.34 17.56 4.67
C LEU A 246 10.22 18.53 4.31
N VAL A 247 9.26 18.05 3.52
CA VAL A 247 8.08 18.84 3.15
C VAL A 247 7.30 19.26 4.40
N SER A 248 7.14 18.33 5.34
CA SER A 248 6.49 18.61 6.61
C SER A 248 7.21 19.70 7.41
N LYS A 249 8.54 19.59 7.47
CA LYS A 249 9.37 20.57 8.19
C LYS A 249 9.21 21.99 7.66
N LEU A 250 9.09 22.11 6.34
CA LEU A 250 8.98 23.41 5.68
C LEU A 250 7.61 24.05 5.88
N THR A 251 6.57 23.23 5.95
CA THR A 251 5.21 23.74 6.19
C THR A 251 5.02 24.18 7.63
N ILE A 252 5.74 23.52 8.56
CA ILE A 252 5.74 23.91 9.97
C ILE A 252 6.34 25.31 10.14
N VAL A 253 7.48 25.56 9.49
CA VAL A 253 8.13 26.86 9.52
C VAL A 253 7.26 27.93 8.84
N LYS A 254 6.66 27.56 7.70
CA LYS A 254 5.77 28.46 6.97
C LYS A 254 4.48 28.76 7.76
N LEU A 255 4.04 27.77 8.55
CA LEU A 255 2.86 27.93 9.39
C LEU A 255 3.16 28.78 10.62
N GLU A 256 4.37 28.62 11.16
CA GLU A 256 4.83 29.43 12.30
C GLU A 256 5.16 30.85 11.88
N GLU A 257 5.40 31.04 10.57
CA GLU A 257 5.58 32.36 9.98
C GLU A 257 4.24 33.11 9.96
N GLU A 258 3.16 32.38 9.72
CA GLU A 258 1.81 32.94 9.75
C GLU A 258 1.32 33.21 11.18
N ASN A 259 2.06 32.68 12.15
CA ASN A 259 1.76 32.91 13.57
C ASN A 259 2.52 34.12 14.14
N LEU A 260 3.39 34.70 13.32
CA LEU A 260 4.20 35.85 13.73
C LEU A 260 3.94 37.06 12.84
N GLU A 261 3.90 36.83 11.53
CA GLU A 261 3.72 37.90 10.55
C GLU A 261 2.28 38.43 10.56
N LYS A 262 1.33 37.55 10.89
CA LYS A 262 -0.09 37.92 10.92
C LYS A 262 -0.54 38.34 12.32
N VAL A 263 0.35 38.20 13.30
CA VAL A 263 -0.01 38.48 14.70
C VAL A 263 0.75 39.68 15.27
N GLU A 264 2.08 39.66 15.17
CA GLU A 264 2.92 40.74 15.71
C GLU A 264 2.74 42.05 14.95
N GLU A 265 2.61 41.95 13.64
CA GLU A 265 2.41 43.11 12.78
C GLU A 265 0.98 43.65 12.88
N LYS A 266 0.03 42.74 13.12
CA LYS A 266 -1.36 43.11 13.37
C LYS A 266 -1.59 43.31 14.86
N LEU A 267 -1.07 44.43 15.39
CA LEU A 267 -1.17 44.74 16.81
C LEU A 267 -1.15 46.25 17.06
#